data_1HF0
#
_entry.id   1HF0
#
_cell.length_a   131.250
_cell.length_b   131.250
_cell.length_c   116.500
_cell.angle_alpha   90.00
_cell.angle_beta   90.00
_cell.angle_gamma   120.00
#
_symmetry.space_group_name_H-M   'P 62 2 2'
#
loop_
_entity.id
_entity.type
_entity.pdbx_description
1 polymer 'OCTAMER-BINDING TRANSCRIPTION FACTOR 1'
2 polymer "DNA 5'-D(*CP*AP*CP*AP*TP*TP*TP*GP*AP*AP*AP*GP*GP* CP*AP*AP*AP*TP*GP*GP*AP*G)-3'"
3 polymer "DNA 5'-D(*CP*TP*CP*CP*AP*TP*TP*TP*GP*CP*CP*TP*TP* TP*CP*AP*AP*AP*TP*GP*TP*G)-3'"
4 water water
#
loop_
_entity_poly.entity_id
_entity_poly.type
_entity_poly.pdbx_seq_one_letter_code
_entity_poly.pdbx_strand_id
1 'polypeptide(L)'
;EEPSDLEELEQFAKTFKQRRIKLGFTQGDVGLAMGKLYGNDFSQTTISRFEALNLSFKNMSKLKPLLEKWLNDAENLSSD
SSLSSPSALNSPGIEGLSRRRKKRTSIETNIRVALEKSFLENQKPTSEEITMIADQLNMEKEVIRVWFSNRRQKEKRIN
;
A,B
2 'polydeoxyribonucleotide'
;(DC)(DA)(DC)(DA)(DT)(DT)(DT)(DG)(DA)(DA)(DA)(DG)(DG)(DC)(DA)(DA)(DA)(DT)(DG)(DG)
(DA)(DG)
;
M
3 'polydeoxyribonucleotide'
;(DC)(DT)(DC)(DC)(DA)(DT)(DT)(DT)(DG)(DC)(DC)(DT)(DT)(DT)(DC)(DA)(DA)(DA)(DT)(DG)
(DT)(DG)
;
N
#
# COMPACT_ATOMS: atom_id res chain seq x y z
N LEU A 6 7.22 12.20 -22.98
CA LEU A 6 8.50 12.31 -23.75
C LEU A 6 9.61 11.60 -22.97
N GLU A 7 10.75 11.43 -23.61
CA GLU A 7 11.88 10.74 -22.98
C GLU A 7 12.39 11.43 -21.70
N GLU A 8 12.71 12.72 -21.79
CA GLU A 8 13.22 13.48 -20.65
C GLU A 8 12.43 13.26 -19.37
N LEU A 9 11.26 12.63 -19.50
CA LEU A 9 10.38 12.35 -18.37
C LEU A 9 10.38 10.86 -17.98
N GLU A 10 10.19 10.00 -18.97
CA GLU A 10 10.18 8.55 -18.72
C GLU A 10 11.53 8.09 -18.18
N GLN A 11 12.61 8.66 -18.69
CA GLN A 11 13.92 8.27 -18.22
C GLN A 11 14.03 8.52 -16.73
N PHE A 12 13.76 9.74 -16.31
CA PHE A 12 13.88 10.03 -14.89
C PHE A 12 13.12 9.03 -14.01
N ALA A 13 11.95 8.62 -14.49
CA ALA A 13 11.15 7.67 -13.75
C ALA A 13 11.96 6.40 -13.51
N LYS A 14 12.65 5.98 -14.56
CA LYS A 14 13.48 4.77 -14.59
C LYS A 14 14.69 4.87 -13.67
N THR A 15 15.34 6.02 -13.70
CA THR A 15 16.51 6.29 -12.88
C THR A 15 16.11 6.33 -11.41
N PHE A 16 15.00 7.00 -11.16
CA PHE A 16 14.49 7.18 -9.81
C PHE A 16 14.32 5.85 -9.05
N LYS A 17 13.64 4.92 -9.70
CA LYS A 17 13.38 3.61 -9.12
C LYS A 17 14.68 2.90 -8.77
N GLN A 18 15.70 3.08 -9.60
CA GLN A 18 16.99 2.44 -9.36
C GLN A 18 17.59 2.97 -8.05
N ARG A 19 17.74 4.28 -7.99
CA ARG A 19 18.31 4.91 -6.81
C ARG A 19 17.47 4.59 -5.61
N ARG A 20 16.16 4.75 -5.77
CA ARG A 20 15.27 4.47 -4.65
C ARG A 20 15.63 3.10 -4.07
N ILE A 21 15.57 2.10 -4.93
CA ILE A 21 15.87 0.75 -4.53
C ILE A 21 17.28 0.62 -3.92
N LYS A 22 18.28 1.21 -4.56
CA LYS A 22 19.63 1.13 -4.02
C LYS A 22 19.70 1.78 -2.64
N LEU A 23 18.91 2.82 -2.45
CA LEU A 23 18.85 3.55 -1.19
C LEU A 23 18.14 2.79 -0.08
N GLY A 24 17.59 1.62 -0.41
CA GLY A 24 16.87 0.81 0.57
C GLY A 24 15.43 1.24 0.84
N PHE A 25 14.85 2.01 -0.07
CA PHE A 25 13.49 2.48 0.15
C PHE A 25 12.39 1.88 -0.69
N THR A 26 11.22 1.80 -0.08
CA THR A 26 10.05 1.27 -0.73
C THR A 26 9.24 2.49 -1.16
N GLN A 27 8.41 2.31 -2.19
CA GLN A 27 7.55 3.38 -2.69
C GLN A 27 6.81 3.96 -1.52
N GLY A 28 6.54 3.12 -0.50
CA GLY A 28 5.87 3.60 0.69
C GLY A 28 6.79 4.52 1.48
N ASP A 29 7.97 4.01 1.85
CA ASP A 29 8.97 4.76 2.59
C ASP A 29 9.19 6.16 2.03
N VAL A 30 9.21 6.23 0.71
CA VAL A 30 9.40 7.50 0.06
C VAL A 30 8.20 8.40 0.32
N GLY A 31 7.06 8.03 -0.23
CA GLY A 31 5.84 8.80 -0.04
C GLY A 31 5.60 9.29 1.38
N LEU A 32 6.20 8.63 2.36
CA LEU A 32 6.02 9.04 3.73
C LEU A 32 7.05 10.09 4.16
N ALA A 33 8.31 9.82 3.87
CA ALA A 33 9.38 10.77 4.19
C ALA A 33 9.19 12.01 3.30
N MET A 34 8.53 11.81 2.16
CA MET A 34 8.24 12.87 1.22
C MET A 34 7.37 13.93 1.89
N GLY A 35 6.45 13.47 2.73
CA GLY A 35 5.54 14.39 3.41
C GLY A 35 6.16 15.17 4.54
N LYS A 36 7.20 14.60 5.13
CA LYS A 36 7.91 15.23 6.22
C LYS A 36 8.98 16.14 5.63
N LEU A 37 9.82 15.54 4.80
CA LEU A 37 10.91 16.25 4.13
C LEU A 37 10.41 17.37 3.20
N TYR A 38 9.12 17.39 2.88
CA TYR A 38 8.62 18.42 1.97
C TYR A 38 7.26 18.95 2.36
N GLY A 39 6.80 18.53 3.53
CA GLY A 39 5.51 19.00 4.01
C GLY A 39 4.31 18.43 3.28
N ASN A 40 4.47 18.15 1.99
CA ASN A 40 3.37 17.61 1.18
C ASN A 40 2.88 16.30 1.80
N ASP A 41 2.56 15.34 0.95
CA ASP A 41 2.06 14.07 1.41
C ASP A 41 1.61 13.24 0.21
N PHE A 42 2.30 12.10 0.06
CA PHE A 42 1.99 11.20 -1.02
C PHE A 42 1.84 9.73 -0.67
N SER A 43 1.05 9.04 -1.44
CA SER A 43 0.78 7.63 -1.19
C SER A 43 1.61 6.67 -2.03
N GLN A 44 1.82 5.49 -1.47
CA GLN A 44 2.56 4.47 -2.16
C GLN A 44 2.03 4.32 -3.57
N THR A 45 0.73 4.50 -3.71
CA THR A 45 0.05 4.41 -4.99
C THR A 45 0.50 5.50 -5.97
N THR A 46 0.75 6.70 -5.46
CA THR A 46 1.20 7.77 -6.32
C THR A 46 2.61 7.45 -6.81
N ILE A 47 3.52 7.18 -5.87
CA ILE A 47 4.89 6.87 -6.24
C ILE A 47 4.97 5.69 -7.20
N SER A 48 4.14 4.68 -6.96
CA SER A 48 4.16 3.54 -7.83
C SER A 48 3.74 4.02 -9.22
N ARG A 49 2.61 4.72 -9.25
CA ARG A 49 2.04 5.26 -10.47
C ARG A 49 3.03 6.14 -11.21
N PHE A 50 3.95 6.75 -10.46
CA PHE A 50 4.94 7.63 -11.05
C PHE A 50 6.07 6.87 -11.72
N GLU A 51 6.69 5.95 -10.98
CA GLU A 51 7.78 5.17 -11.53
C GLU A 51 7.24 4.36 -12.69
N ALA A 52 5.94 4.38 -12.88
CA ALA A 52 5.37 3.60 -13.97
C ALA A 52 4.77 4.40 -15.12
N LEU A 53 4.81 5.72 -15.03
CA LEU A 53 4.25 6.54 -16.11
C LEU A 53 2.77 6.26 -16.32
N ASN A 54 2.05 6.09 -15.21
CA ASN A 54 0.62 5.84 -15.27
C ASN A 54 -0.07 7.06 -14.75
N LEU A 55 0.68 8.16 -14.71
CA LEU A 55 0.17 9.45 -14.30
C LEU A 55 0.00 10.25 -15.59
N SER A 56 -0.82 11.29 -15.56
CA SER A 56 -1.02 12.11 -16.76
C SER A 56 0.31 12.79 -17.05
N PHE A 57 0.51 13.18 -18.30
CA PHE A 57 1.74 13.84 -18.67
C PHE A 57 1.94 15.02 -17.73
N LYS A 58 0.83 15.69 -17.43
CA LYS A 58 0.91 16.84 -16.56
C LYS A 58 1.14 16.48 -15.09
N ASN A 59 0.48 15.43 -14.60
CA ASN A 59 0.66 15.03 -13.21
C ASN A 59 2.13 14.70 -13.06
N MET A 60 2.62 13.87 -13.98
CA MET A 60 4.03 13.46 -13.97
C MET A 60 4.92 14.71 -13.89
N SER A 61 4.72 15.60 -14.85
CA SER A 61 5.48 16.85 -14.96
C SER A 61 5.57 17.59 -13.64
N LYS A 62 4.41 17.84 -13.06
CA LYS A 62 4.30 18.56 -11.80
C LYS A 62 4.94 17.80 -10.63
N LEU A 63 5.00 16.48 -10.76
CA LEU A 63 5.53 15.66 -9.69
C LEU A 63 7.02 15.43 -9.73
N LYS A 64 7.55 15.20 -10.92
CA LYS A 64 8.96 14.95 -11.10
C LYS A 64 9.92 15.75 -10.21
N PRO A 65 9.75 17.09 -10.18
CA PRO A 65 10.63 17.95 -9.37
C PRO A 65 10.61 17.62 -7.88
N LEU A 66 9.40 17.44 -7.39
CA LEU A 66 9.15 17.12 -6.00
C LEU A 66 10.00 15.92 -5.59
N LEU A 67 10.12 14.99 -6.54
CA LEU A 67 10.90 13.79 -6.33
C LEU A 67 12.39 14.04 -6.55
N GLU A 68 12.69 14.88 -7.53
CA GLU A 68 14.08 15.21 -7.84
C GLU A 68 14.71 15.76 -6.56
N LYS A 69 13.96 16.60 -5.85
CA LYS A 69 14.47 17.17 -4.61
C LYS A 69 14.73 16.06 -3.57
N TRP A 70 13.72 15.23 -3.31
CA TRP A 70 13.84 14.16 -2.32
C TRP A 70 14.99 13.17 -2.56
N LEU A 71 15.20 12.82 -3.83
CA LEU A 71 16.24 11.87 -4.18
C LEU A 71 17.60 12.44 -3.83
N ASN A 72 17.83 13.66 -4.28
CA ASN A 72 19.09 14.36 -4.05
C ASN A 72 19.33 14.52 -2.56
N ASP A 73 18.30 14.97 -1.85
CA ASP A 73 18.38 15.14 -0.39
C ASP A 73 18.64 13.76 0.22
N ALA A 74 17.77 12.83 -0.13
CA ALA A 74 17.86 11.45 0.33
C ALA A 74 19.27 10.94 0.13
N GLU A 75 19.83 11.22 -1.06
CA GLU A 75 21.19 10.81 -1.34
C GLU A 75 22.11 11.92 -0.85
N ARG A 101 -4.39 19.15 1.64
CA ARG A 101 -5.38 18.27 1.00
C ARG A 101 -6.07 17.34 2.00
N LYS A 102 -7.39 17.48 2.12
CA LYS A 102 -8.21 16.68 3.03
C LYS A 102 -7.93 15.18 2.92
N LYS A 103 -7.77 14.50 4.06
CA LYS A 103 -7.50 13.06 4.05
C LYS A 103 -8.78 12.36 3.58
N ARG A 104 -8.62 11.33 2.75
CA ARG A 104 -9.76 10.57 2.18
C ARG A 104 -10.70 9.93 3.19
N THR A 105 -11.94 10.43 3.25
CA THR A 105 -12.94 9.87 4.16
C THR A 105 -13.24 8.41 3.83
N SER A 106 -13.46 7.62 4.86
CA SER A 106 -13.79 6.21 4.63
C SER A 106 -15.27 6.06 4.94
N ILE A 107 -16.05 5.75 3.91
CA ILE A 107 -17.50 5.57 4.04
C ILE A 107 -17.78 4.11 4.42
N GLU A 108 -18.24 3.88 5.65
CA GLU A 108 -18.50 2.51 6.08
C GLU A 108 -19.81 1.89 5.57
N THR A 109 -19.71 0.62 5.18
CA THR A 109 -20.86 -0.15 4.70
C THR A 109 -22.22 0.38 5.13
N ASN A 110 -22.48 0.39 6.43
CA ASN A 110 -23.75 0.89 6.91
C ASN A 110 -24.13 2.17 6.20
N ILE A 111 -23.21 3.13 6.21
CA ILE A 111 -23.46 4.43 5.61
C ILE A 111 -23.61 4.41 4.10
N ARG A 112 -22.96 3.50 3.40
CA ARG A 112 -23.16 3.49 1.97
C ARG A 112 -24.58 3.04 1.71
N VAL A 113 -24.97 1.91 2.31
CA VAL A 113 -26.32 1.38 2.07
C VAL A 113 -27.37 2.47 2.22
N ALA A 114 -27.22 3.30 3.24
CA ALA A 114 -28.15 4.37 3.46
C ALA A 114 -28.11 5.38 2.31
N LEU A 115 -26.90 5.70 1.85
CA LEU A 115 -26.73 6.68 0.77
C LEU A 115 -27.18 6.15 -0.59
N GLU A 116 -26.99 4.84 -0.84
CA GLU A 116 -27.44 4.32 -2.12
C GLU A 116 -28.96 4.44 -2.14
N LYS A 117 -29.57 4.07 -1.02
CA LYS A 117 -31.00 4.08 -0.91
C LYS A 117 -31.54 5.46 -1.13
N SER A 118 -30.98 6.41 -0.41
CA SER A 118 -31.39 7.80 -0.54
C SER A 118 -31.18 8.30 -1.96
N PHE A 119 -30.21 7.69 -2.62
CA PHE A 119 -29.85 8.07 -3.96
C PHE A 119 -30.91 7.56 -4.93
N LEU A 120 -31.47 6.39 -4.66
CA LEU A 120 -32.48 5.85 -5.55
C LEU A 120 -33.80 6.59 -5.40
N GLU A 121 -33.95 7.25 -4.26
CA GLU A 121 -35.12 8.03 -3.92
C GLU A 121 -35.01 9.37 -4.62
N ASN A 122 -33.83 9.96 -4.55
CA ASN A 122 -33.61 11.26 -5.17
C ASN A 122 -32.12 11.39 -5.52
N GLN A 123 -31.84 11.51 -6.81
CA GLN A 123 -30.45 11.62 -7.24
C GLN A 123 -29.85 13.01 -7.03
N LYS A 124 -30.71 14.00 -6.83
CA LYS A 124 -30.24 15.34 -6.66
C LYS A 124 -30.88 16.01 -5.45
N PRO A 125 -30.57 15.52 -4.24
CA PRO A 125 -31.12 16.11 -3.04
C PRO A 125 -30.66 17.54 -2.99
N THR A 126 -31.46 18.41 -2.39
CA THR A 126 -31.05 19.80 -2.32
C THR A 126 -30.14 19.97 -1.12
N SER A 127 -29.56 21.17 -1.01
CA SER A 127 -28.65 21.53 0.07
C SER A 127 -29.20 21.09 1.42
N GLU A 128 -30.46 21.44 1.67
CA GLU A 128 -31.13 21.12 2.94
C GLU A 128 -31.37 19.63 3.08
N GLU A 129 -31.92 19.01 2.04
CA GLU A 129 -32.16 17.58 2.08
C GLU A 129 -30.81 16.96 2.45
N ILE A 130 -29.74 17.56 1.94
CA ILE A 130 -28.40 17.09 2.23
C ILE A 130 -28.09 17.27 3.71
N THR A 131 -28.55 18.38 4.28
CA THR A 131 -28.33 18.64 5.70
C THR A 131 -29.05 17.56 6.52
N MET A 132 -30.28 17.24 6.13
CA MET A 132 -31.00 16.21 6.84
C MET A 132 -30.24 14.89 6.70
N ILE A 133 -29.89 14.53 5.48
CA ILE A 133 -29.17 13.27 5.31
C ILE A 133 -27.88 13.25 6.14
N ALA A 134 -27.09 14.32 6.08
CA ALA A 134 -25.84 14.38 6.85
C ALA A 134 -26.10 14.19 8.34
N ASP A 135 -27.08 14.94 8.84
CA ASP A 135 -27.50 14.90 10.22
C ASP A 135 -27.89 13.49 10.61
N GLN A 136 -28.82 12.94 9.83
CA GLN A 136 -29.35 11.61 10.05
C GLN A 136 -28.27 10.52 10.09
N LEU A 137 -27.11 10.83 9.50
CA LEU A 137 -26.00 9.89 9.41
C LEU A 137 -24.80 10.30 10.25
N ASN A 138 -24.79 11.56 10.66
CA ASN A 138 -23.70 12.10 11.45
C ASN A 138 -22.51 12.09 10.57
N MET A 139 -22.68 12.73 9.43
CA MET A 139 -21.60 12.87 8.48
C MET A 139 -21.62 14.36 8.17
N GLU A 140 -20.47 14.89 7.72
CA GLU A 140 -20.36 16.31 7.40
C GLU A 140 -21.12 16.64 6.12
N LYS A 141 -21.93 17.68 6.20
CA LYS A 141 -22.73 18.12 5.07
C LYS A 141 -21.90 18.03 3.77
N GLU A 142 -20.73 18.66 3.76
CA GLU A 142 -19.86 18.67 2.58
C GLU A 142 -19.51 17.28 2.04
N VAL A 143 -19.13 16.34 2.91
CA VAL A 143 -18.81 14.98 2.47
C VAL A 143 -20.02 14.42 1.73
N ILE A 144 -21.18 14.54 2.34
CA ILE A 144 -22.41 14.06 1.78
C ILE A 144 -22.67 14.69 0.42
N ARG A 145 -22.44 15.99 0.33
CA ARG A 145 -22.70 16.70 -0.92
C ARG A 145 -21.85 16.14 -2.05
N VAL A 146 -20.59 15.84 -1.75
CA VAL A 146 -19.66 15.33 -2.74
C VAL A 146 -20.01 13.90 -3.10
N TRP A 147 -20.37 13.15 -2.08
CA TRP A 147 -20.74 11.76 -2.29
C TRP A 147 -21.85 11.65 -3.35
N PHE A 148 -22.84 12.53 -3.29
CA PHE A 148 -23.93 12.48 -4.25
C PHE A 148 -23.46 12.83 -5.64
N SER A 149 -22.59 13.83 -5.70
CA SER A 149 -22.06 14.31 -6.97
C SER A 149 -21.24 13.20 -7.66
N ASN A 150 -20.42 12.54 -6.85
CA ASN A 150 -19.61 11.44 -7.34
C ASN A 150 -20.57 10.36 -7.78
N ARG A 151 -21.59 10.13 -6.98
CA ARG A 151 -22.53 9.10 -7.34
C ARG A 151 -23.25 9.36 -8.67
N ARG A 152 -23.62 10.60 -8.95
CA ARG A 152 -24.26 10.86 -10.22
C ARG A 152 -23.22 10.62 -11.30
N GLN A 153 -21.99 11.12 -11.07
CA GLN A 153 -20.93 10.90 -12.05
C GLN A 153 -20.79 9.40 -12.33
N LYS A 154 -20.87 8.59 -11.27
CA LYS A 154 -20.74 7.18 -11.47
C LYS A 154 -21.86 6.72 -12.38
N GLU A 155 -23.07 7.11 -12.01
CA GLU A 155 -24.21 6.73 -12.78
C GLU A 155 -24.02 7.08 -14.25
N LYS A 156 -23.35 8.19 -14.55
CA LYS A 156 -23.13 8.62 -15.93
C LYS A 156 -22.15 7.80 -16.77
N ARG A 157 -21.43 6.88 -16.14
CA ARG A 157 -20.47 6.06 -16.86
C ARG A 157 -21.12 4.71 -17.06
N ILE A 158 -20.84 4.06 -18.20
CA ILE A 158 -21.36 2.72 -18.55
C ILE A 158 -21.12 2.39 -20.05
N LEU B 6 -13.64 -20.57 12.28
CA LEU B 6 -14.96 -20.82 12.92
C LEU B 6 -15.65 -19.48 13.15
N GLU B 7 -16.80 -19.49 13.81
CA GLU B 7 -17.51 -18.26 14.09
C GLU B 7 -16.83 -17.51 15.26
N GLU B 8 -16.34 -18.27 16.23
CA GLU B 8 -15.68 -17.71 17.40
C GLU B 8 -14.63 -16.69 17.01
N LEU B 9 -14.03 -16.90 15.84
CA LEU B 9 -12.96 -16.05 15.32
C LEU B 9 -13.38 -14.80 14.53
N GLU B 10 -14.07 -15.00 13.41
CA GLU B 10 -14.54 -13.91 12.56
C GLU B 10 -15.12 -12.76 13.36
N GLN B 11 -15.78 -13.12 14.45
CA GLN B 11 -16.40 -12.13 15.31
C GLN B 11 -15.42 -11.15 15.91
N PHE B 12 -14.14 -11.36 15.65
CA PHE B 12 -13.16 -10.40 16.15
C PHE B 12 -12.70 -9.72 14.88
N ALA B 13 -12.80 -10.45 13.78
CA ALA B 13 -12.41 -9.92 12.50
C ALA B 13 -13.33 -8.77 12.18
N LYS B 14 -14.58 -9.09 11.87
CA LYS B 14 -15.55 -8.07 11.52
C LYS B 14 -15.73 -7.00 12.59
N THR B 15 -15.35 -7.31 13.82
CA THR B 15 -15.46 -6.34 14.90
C THR B 15 -14.32 -5.35 14.75
N PHE B 16 -13.11 -5.88 14.78
CA PHE B 16 -11.87 -5.13 14.66
C PHE B 16 -11.92 -4.06 13.59
N LYS B 17 -12.43 -4.46 12.43
CA LYS B 17 -12.54 -3.54 11.31
C LYS B 17 -13.29 -2.32 11.82
N GLN B 18 -14.49 -2.57 12.32
CA GLN B 18 -15.32 -1.48 12.84
C GLN B 18 -14.45 -0.63 13.76
N ARG B 19 -14.16 -1.15 14.94
CA ARG B 19 -13.33 -0.45 15.92
C ARG B 19 -12.20 0.31 15.26
N ARG B 20 -11.57 -0.32 14.27
CA ARG B 20 -10.46 0.33 13.58
C ARG B 20 -10.92 1.60 12.92
N ILE B 21 -11.81 1.44 11.94
CA ILE B 21 -12.36 2.55 11.18
C ILE B 21 -12.86 3.66 12.10
N LYS B 22 -13.58 3.29 13.15
CA LYS B 22 -14.09 4.28 14.08
C LYS B 22 -12.91 5.03 14.68
N LEU B 23 -11.99 4.29 15.30
CA LEU B 23 -10.82 4.91 15.90
C LEU B 23 -10.05 5.86 14.96
N GLY B 24 -10.39 5.84 13.67
CA GLY B 24 -9.74 6.70 12.69
C GLY B 24 -8.43 6.16 12.14
N PHE B 25 -8.35 4.85 11.97
CA PHE B 25 -7.14 4.20 11.48
C PHE B 25 -7.26 3.36 10.22
N THR B 26 -6.20 3.40 9.41
CA THR B 26 -6.14 2.65 8.17
C THR B 26 -5.39 1.37 8.43
N GLN B 27 -5.63 0.36 7.61
CA GLN B 27 -4.95 -0.91 7.78
C GLN B 27 -3.46 -0.62 7.88
N GLY B 28 -3.00 0.29 7.04
CA GLY B 28 -1.59 0.64 7.05
C GLY B 28 -1.20 1.33 8.34
N ASP B 29 -2.08 2.17 8.87
CA ASP B 29 -1.80 2.88 10.10
C ASP B 29 -1.59 1.87 11.22
N VAL B 30 -2.41 0.82 11.22
CA VAL B 30 -2.29 -0.22 12.23
C VAL B 30 -0.98 -0.93 12.01
N GLY B 31 -0.60 -1.10 10.75
CA GLY B 31 0.67 -1.74 10.45
C GLY B 31 1.77 -0.96 11.12
N LEU B 32 1.91 0.32 10.77
CA LEU B 32 2.94 1.20 11.34
C LEU B 32 2.93 1.11 12.86
N ALA B 33 1.76 1.33 13.44
CA ALA B 33 1.60 1.25 14.89
C ALA B 33 2.17 -0.07 15.43
N MET B 34 1.56 -1.18 15.06
CA MET B 34 2.00 -2.50 15.50
C MET B 34 3.52 -2.68 15.47
N GLY B 35 4.17 -2.04 14.50
CA GLY B 35 5.61 -2.14 14.34
C GLY B 35 6.41 -1.56 15.49
N LYS B 36 5.75 -0.70 16.25
CA LYS B 36 6.38 -0.06 17.38
C LYS B 36 5.92 -0.76 18.65
N LEU B 37 4.67 -0.52 19.06
CA LEU B 37 4.11 -1.13 20.25
C LEU B 37 4.57 -2.58 20.39
N TYR B 38 3.77 -3.51 19.88
CA TYR B 38 4.12 -4.92 19.94
C TYR B 38 5.48 -5.22 19.30
N GLY B 39 6.16 -4.14 18.91
CA GLY B 39 7.49 -4.22 18.31
C GLY B 39 7.71 -5.36 17.32
N ASN B 40 6.63 -5.89 16.75
CA ASN B 40 6.79 -6.96 15.79
C ASN B 40 6.83 -6.35 14.37
N ASP B 41 6.50 -7.14 13.37
CA ASP B 41 6.53 -6.69 11.97
C ASP B 41 5.21 -6.97 11.23
N PHE B 42 4.43 -5.93 10.92
CA PHE B 42 3.17 -6.16 10.20
C PHE B 42 2.71 -5.20 9.09
N SER B 43 2.56 -5.78 7.91
CA SER B 43 2.18 -5.07 6.69
C SER B 43 0.69 -4.99 6.46
N GLN B 44 0.29 -3.89 5.84
CA GLN B 44 -1.08 -3.62 5.51
C GLN B 44 -1.72 -4.81 4.81
N THR B 45 -0.97 -5.49 3.94
CA THR B 45 -1.52 -6.66 3.26
C THR B 45 -1.97 -7.66 4.32
N THR B 46 -1.25 -7.73 5.43
CA THR B 46 -1.64 -8.66 6.47
C THR B 46 -2.91 -8.17 7.16
N ILE B 47 -2.85 -7.00 7.78
CA ILE B 47 -4.03 -6.43 8.42
C ILE B 47 -5.27 -6.52 7.52
N SER B 48 -5.09 -6.35 6.22
CA SER B 48 -6.23 -6.44 5.31
C SER B 48 -6.70 -7.87 5.28
N ARG B 49 -5.75 -8.77 5.09
CA ARG B 49 -5.99 -10.19 5.03
C ARG B 49 -6.62 -10.70 6.31
N PHE B 50 -6.29 -10.06 7.42
CA PHE B 50 -6.83 -10.46 8.69
C PHE B 50 -8.32 -10.16 8.72
N GLU B 51 -8.66 -8.86 8.67
CA GLU B 51 -10.04 -8.41 8.67
C GLU B 51 -10.87 -9.09 7.61
N ALA B 52 -10.24 -9.49 6.50
CA ALA B 52 -10.97 -10.14 5.43
C ALA B 52 -11.01 -11.65 5.66
N LEU B 53 -10.28 -12.10 6.69
CA LEU B 53 -10.23 -13.53 7.03
C LEU B 53 -9.65 -14.39 5.92
N ASN B 54 -8.57 -13.94 5.32
CA ASN B 54 -7.96 -14.71 4.26
C ASN B 54 -6.79 -15.48 4.85
N LEU B 55 -6.45 -15.13 6.08
CA LEU B 55 -5.38 -15.78 6.83
C LEU B 55 -5.70 -17.21 7.21
N SER B 56 -4.84 -18.13 6.77
CA SER B 56 -4.96 -19.56 7.05
C SER B 56 -5.38 -19.80 8.49
N PHE B 57 -6.37 -20.66 8.66
CA PHE B 57 -6.90 -20.98 10.00
C PHE B 57 -5.88 -20.73 11.10
N LYS B 58 -4.94 -21.66 11.20
CA LYS B 58 -3.88 -21.62 12.20
C LYS B 58 -3.36 -20.19 12.37
N ASN B 59 -2.92 -19.63 11.25
CA ASN B 59 -2.37 -18.29 11.21
C ASN B 59 -3.28 -17.22 11.80
N MET B 60 -4.47 -17.06 11.21
CA MET B 60 -5.48 -16.09 11.67
C MET B 60 -5.54 -16.13 13.18
N SER B 61 -5.60 -17.37 13.68
CA SER B 61 -5.67 -17.71 15.10
C SER B 61 -4.51 -17.08 15.89
N LYS B 62 -3.31 -17.17 15.31
CA LYS B 62 -2.15 -16.59 15.95
C LYS B 62 -2.33 -15.08 16.11
N LEU B 63 -2.39 -14.39 14.98
CA LEU B 63 -2.53 -12.94 14.91
C LEU B 63 -3.49 -12.31 15.91
N LYS B 64 -4.75 -12.69 15.79
CA LYS B 64 -5.84 -12.16 16.60
C LYS B 64 -5.44 -11.49 17.93
N PRO B 65 -4.83 -12.26 18.84
CA PRO B 65 -4.40 -11.78 20.15
C PRO B 65 -3.63 -10.46 20.25
N LEU B 66 -2.57 -10.32 19.44
CA LEU B 66 -1.78 -9.11 19.51
C LEU B 66 -2.49 -7.93 18.88
N LEU B 67 -3.40 -8.22 17.97
CA LEU B 67 -4.20 -7.16 17.35
C LEU B 67 -5.16 -6.71 18.44
N GLU B 68 -5.75 -7.71 19.10
CA GLU B 68 -6.69 -7.50 20.18
C GLU B 68 -5.96 -6.69 21.23
N LYS B 69 -4.70 -7.05 21.46
CA LYS B 69 -3.88 -6.35 22.43
C LYS B 69 -3.78 -4.88 22.02
N TRP B 70 -3.42 -4.65 20.76
CA TRP B 70 -3.27 -3.30 20.23
C TRP B 70 -4.54 -2.48 20.29
N LEU B 71 -5.60 -3.06 19.74
CA LEU B 71 -6.91 -2.44 19.69
C LEU B 71 -7.34 -1.96 21.08
N ASN B 72 -7.44 -2.91 22.00
CA ASN B 72 -7.83 -2.65 23.38
C ASN B 72 -6.90 -1.56 23.94
N ASP B 73 -5.60 -1.69 23.66
CA ASP B 73 -4.60 -0.75 24.11
C ASP B 73 -4.89 0.65 23.53
N ALA B 74 -5.12 0.68 22.22
CA ALA B 74 -5.41 1.91 21.50
C ALA B 74 -6.76 2.52 21.92
N GLU B 75 -7.77 1.67 22.15
CA GLU B 75 -9.10 2.15 22.56
C GLU B 75 -9.02 2.85 23.93
N ARG B 101 11.94 -10.60 11.88
CA ARG B 101 11.82 -10.93 10.45
C ARG B 101 12.60 -9.95 9.58
N LYS B 102 13.22 -10.41 8.49
CA LYS B 102 13.97 -9.50 7.64
C LYS B 102 13.13 -8.74 6.58
N LYS B 103 13.33 -7.43 6.51
CA LYS B 103 12.65 -6.57 5.55
C LYS B 103 12.82 -7.14 4.15
N ARG B 104 11.71 -7.26 3.41
CA ARG B 104 11.74 -7.80 2.04
C ARG B 104 12.64 -6.96 1.14
N THR B 105 13.64 -7.60 0.54
CA THR B 105 14.58 -6.94 -0.37
C THR B 105 13.94 -6.75 -1.75
N SER B 106 13.77 -5.52 -2.21
CA SER B 106 13.19 -5.29 -3.54
C SER B 106 14.34 -5.46 -4.56
N ILE B 107 14.04 -5.80 -5.82
CA ILE B 107 15.10 -6.03 -6.81
C ILE B 107 14.99 -5.25 -8.14
N GLU B 108 16.03 -4.48 -8.46
CA GLU B 108 16.07 -3.69 -9.69
C GLU B 108 15.91 -4.54 -10.94
N THR B 109 15.20 -3.99 -11.90
CA THR B 109 14.94 -4.71 -13.15
C THR B 109 16.26 -5.30 -13.68
N ASN B 110 17.25 -4.42 -13.82
CA ASN B 110 18.57 -4.77 -14.31
C ASN B 110 19.27 -5.88 -13.55
N ILE B 111 19.29 -5.74 -12.22
CA ILE B 111 19.92 -6.78 -11.42
C ILE B 111 19.22 -8.07 -11.81
N ARG B 112 17.91 -7.98 -11.90
CA ARG B 112 17.14 -9.14 -12.25
C ARG B 112 17.50 -9.74 -13.62
N VAL B 113 17.69 -8.88 -14.62
CA VAL B 113 18.01 -9.45 -15.93
C VAL B 113 19.37 -10.10 -15.82
N ALA B 114 20.21 -9.59 -14.92
CA ALA B 114 21.53 -10.20 -14.73
C ALA B 114 21.37 -11.56 -14.05
N LEU B 115 20.64 -11.57 -12.94
CA LEU B 115 20.39 -12.79 -12.20
C LEU B 115 19.80 -13.82 -13.13
N GLU B 116 18.85 -13.37 -13.94
CA GLU B 116 18.19 -14.28 -14.87
C GLU B 116 19.16 -14.84 -15.92
N LYS B 117 20.01 -13.95 -16.41
CA LYS B 117 20.98 -14.33 -17.42
C LYS B 117 21.85 -15.39 -16.75
N SER B 118 22.36 -15.08 -15.56
CA SER B 118 23.16 -16.04 -14.84
C SER B 118 22.43 -17.39 -14.66
N PHE B 119 21.17 -17.36 -14.26
CA PHE B 119 20.40 -18.58 -14.04
C PHE B 119 20.33 -19.47 -15.27
N LEU B 120 20.44 -18.88 -16.45
CA LEU B 120 20.36 -19.69 -17.64
C LEU B 120 21.65 -20.40 -17.87
N GLU B 121 22.75 -19.74 -17.50
CA GLU B 121 24.08 -20.32 -17.67
C GLU B 121 24.25 -21.52 -16.74
N ASN B 122 23.82 -21.33 -15.49
CA ASN B 122 23.91 -22.38 -14.50
C ASN B 122 22.88 -22.03 -13.45
N GLN B 123 21.96 -22.97 -13.24
CA GLN B 123 20.87 -22.79 -12.32
C GLN B 123 21.14 -23.07 -10.85
N LYS B 124 22.23 -23.79 -10.58
CA LYS B 124 22.59 -24.16 -9.22
C LYS B 124 23.99 -23.72 -8.89
N PRO B 125 24.25 -22.41 -8.91
CA PRO B 125 25.58 -21.87 -8.60
C PRO B 125 26.09 -22.38 -7.24
N THR B 126 27.40 -22.48 -7.07
CA THR B 126 27.92 -22.97 -5.81
C THR B 126 28.00 -21.80 -4.88
N SER B 127 28.11 -22.11 -3.61
CA SER B 127 28.18 -21.07 -2.62
C SER B 127 29.23 -19.99 -2.96
N GLU B 128 30.29 -20.38 -3.65
CA GLU B 128 31.32 -19.41 -3.98
C GLU B 128 30.89 -18.51 -5.12
N GLU B 129 30.30 -19.13 -6.15
CA GLU B 129 29.76 -18.41 -7.31
C GLU B 129 28.71 -17.40 -6.79
N ILE B 130 27.98 -17.77 -5.73
CA ILE B 130 26.99 -16.89 -5.16
C ILE B 130 27.65 -15.67 -4.53
N THR B 131 28.67 -15.93 -3.73
CA THR B 131 29.39 -14.84 -3.09
C THR B 131 29.96 -13.89 -4.15
N MET B 132 30.38 -14.45 -5.28
CA MET B 132 30.91 -13.64 -6.34
C MET B 132 29.81 -12.78 -6.93
N ILE B 133 28.69 -13.43 -7.27
CA ILE B 133 27.56 -12.71 -7.82
C ILE B 133 27.11 -11.61 -6.83
N ALA B 134 26.98 -11.96 -5.55
CA ALA B 134 26.53 -10.97 -4.54
C ALA B 134 27.39 -9.79 -4.51
N ASP B 135 28.69 -10.03 -4.53
CA ASP B 135 29.68 -8.97 -4.48
C ASP B 135 29.62 -8.13 -5.75
N GLN B 136 29.44 -8.77 -6.90
CA GLN B 136 29.36 -8.03 -8.17
C GLN B 136 28.16 -7.10 -8.22
N LEU B 137 26.99 -7.62 -7.88
CA LEU B 137 25.76 -6.82 -7.94
C LEU B 137 25.46 -5.89 -6.78
N ASN B 138 26.12 -6.14 -5.64
CA ASN B 138 25.98 -5.37 -4.42
C ASN B 138 24.67 -5.76 -3.73
N MET B 139 24.56 -7.05 -3.47
CA MET B 139 23.41 -7.68 -2.84
C MET B 139 23.98 -8.54 -1.74
N GLU B 140 23.11 -9.02 -0.86
CA GLU B 140 23.51 -9.90 0.23
C GLU B 140 23.68 -11.32 -0.32
N LYS B 141 24.66 -12.03 0.18
CA LYS B 141 24.93 -13.39 -0.26
C LYS B 141 23.65 -14.23 -0.11
N GLU B 142 22.93 -14.00 1.00
CA GLU B 142 21.71 -14.76 1.28
C GLU B 142 20.63 -14.45 0.27
N VAL B 143 20.32 -13.16 0.14
CA VAL B 143 19.34 -12.70 -0.82
C VAL B 143 19.55 -13.39 -2.16
N ILE B 144 20.81 -13.53 -2.54
CA ILE B 144 21.11 -14.17 -3.80
C ILE B 144 20.91 -15.68 -3.74
N ARG B 145 21.17 -16.30 -2.60
CA ARG B 145 21.00 -17.73 -2.53
C ARG B 145 19.51 -18.06 -2.70
N VAL B 146 18.70 -17.30 -1.99
CA VAL B 146 17.25 -17.47 -2.04
C VAL B 146 16.75 -17.25 -3.45
N TRP B 147 17.16 -16.14 -4.04
CA TRP B 147 16.74 -15.80 -5.39
C TRP B 147 16.87 -16.99 -6.31
N PHE B 148 17.98 -17.70 -6.22
CA PHE B 148 18.19 -18.88 -7.07
C PHE B 148 17.33 -20.06 -6.66
N SER B 149 16.95 -20.15 -5.41
CA SER B 149 16.13 -21.30 -5.03
C SER B 149 14.69 -21.04 -5.49
N ASN B 150 14.24 -19.82 -5.29
CA ASN B 150 12.91 -19.45 -5.72
C ASN B 150 12.89 -19.60 -7.23
N ARG B 151 13.90 -19.08 -7.91
CA ARG B 151 13.93 -19.19 -9.36
C ARG B 151 13.89 -20.63 -9.80
N ARG B 152 14.38 -21.53 -8.98
CA ARG B 152 14.34 -22.94 -9.33
C ARG B 152 12.94 -23.42 -9.12
N GLN B 153 12.33 -22.98 -8.02
CA GLN B 153 10.97 -23.38 -7.69
C GLN B 153 9.98 -22.92 -8.76
N LYS B 154 10.16 -21.69 -9.19
CA LYS B 154 9.31 -21.09 -10.18
C LYS B 154 9.36 -21.90 -11.45
N GLU B 155 10.50 -22.55 -11.64
CA GLU B 155 10.70 -23.35 -12.83
C GLU B 155 9.98 -24.66 -12.70
N LYS B 156 9.82 -25.10 -11.45
CA LYS B 156 9.17 -26.36 -11.14
C LYS B 156 7.67 -26.24 -11.12
N ARG B 157 7.16 -25.06 -11.43
CA ARG B 157 5.73 -24.90 -11.45
C ARG B 157 5.32 -24.57 -12.88
N ILE B 158 4.64 -25.49 -13.54
CA ILE B 158 4.17 -25.23 -14.91
C ILE B 158 2.90 -26.03 -15.32
#